data_8QWI
#
_entry.id   8QWI
#
_cell.length_a   93.95
_cell.length_b   93.95
_cell.length_c   246.69
_cell.angle_alpha   90
_cell.angle_beta   90
_cell.angle_gamma   120
#
_symmetry.space_group_name_H-M   'P 65 2 2'
#
loop_
_entity.id
_entity.type
_entity.pdbx_description
1 polymer 'Bifunctional epoxide hydrolase 2'
2 non-polymer 'SULFATE ION'
3 non-polymer 2-(1H-BENZIMIDAZOL-2-YLSULFANYL)ETHANOL
4 water water
#
_entity_poly.entity_id   1
_entity_poly.type   'polypeptide(L)'
_entity_poly.pdbx_seq_one_letter_code
;GMTLRAAVFDLDGVLALPAVFGVLGRTEEALALPRGLLNDAFQKGGPEGATTRLMKGEITLSQWIPLMEENCRKCSETAK
VCLPKNFSIKEIFDKAISARKINRPMLQAALMLRKKGFTTAILTNTWLDDRAERDGLAQLMCELKMHFDFLIESCQVGMV
KPEPQIYKFLLDTLKASPSEVVFLDDIGANLKPARDLGMVTILVQDTDTALKELEKVTGIQLLNTPAPLPTSCNPSDMSH
GYVTVKPRVRLHFVELGSGPAVCLCHGFPESWYSWRYQIPALAQAGYRVLAMDMKGYGESSAPPEIEEYCMEVLCKEMVT
FLDKLGLSQAVFIGHDWGGMLVWYMALFYPERVRAVASLNTPFIPANPNMSPLESIKANPVFDYQLYFQEPGVAEAELEQ
NLSRTFKSLFRASDESVLSMHKVCEAGGLFVNSPEEPSLSRMVTEEEIQFYVQQFKKSGFRGPLNWYRNMERNWKWACKS
LGRKILIPALMVTAEKDFVLVPQMSQHMEDWIPHLKRGHIEDCGHWTQMDKPTEVNQILIKWLDSDARN
;
_entity_poly.pdbx_strand_id   A
#
loop_
_chem_comp.id
_chem_comp.type
_chem_comp.name
_chem_comp.formula
6N4 non-polymer 2-(1H-BENZIMIDAZOL-2-YLSULFANYL)ETHANOL 'C9 H10 N2 O S'
SO4 non-polymer 'SULFATE ION' 'O4 S -2'
#
# COMPACT_ATOMS: atom_id res chain seq x y z
N THR A 3 -12.96 -14.45 -26.40
CA THR A 3 -14.04 -15.37 -26.01
C THR A 3 -14.06 -15.58 -24.47
N LEU A 4 -12.94 -16.03 -23.85
CA LEU A 4 -12.89 -16.15 -22.39
C LEU A 4 -12.83 -14.74 -21.80
N ARG A 5 -13.63 -14.45 -20.78
CA ARG A 5 -13.60 -13.13 -20.15
C ARG A 5 -13.73 -13.14 -18.61
N ALA A 6 -13.80 -14.34 -18.01
CA ALA A 6 -13.89 -14.46 -16.56
C ALA A 6 -13.04 -15.63 -16.08
N ALA A 7 -12.36 -15.43 -14.95
CA ALA A 7 -11.50 -16.45 -14.35
C ALA A 7 -11.91 -16.58 -12.88
N VAL A 8 -12.18 -17.82 -12.45
CA VAL A 8 -12.63 -18.12 -11.10
C VAL A 8 -11.58 -18.97 -10.43
N PHE A 9 -11.19 -18.61 -9.22
CA PHE A 9 -10.17 -19.34 -8.48
C PHE A 9 -10.73 -19.84 -7.16
N ASP A 10 -10.26 -21.00 -6.72
CA ASP A 10 -10.60 -21.51 -5.40
C ASP A 10 -9.58 -20.83 -4.43
N LEU A 11 -9.90 -20.75 -3.14
CA LEU A 11 -8.98 -20.18 -2.16
C LEU A 11 -7.95 -21.26 -1.70
N ASP A 12 -8.43 -22.28 -0.99
CA ASP A 12 -7.62 -23.35 -0.46
C ASP A 12 -6.98 -24.19 -1.55
N GLY A 13 -5.66 -24.26 -1.54
CA GLY A 13 -4.93 -25.06 -2.52
C GLY A 13 -4.69 -24.39 -3.86
N VAL A 14 -5.25 -23.18 -4.08
CA VAL A 14 -5.06 -22.47 -5.35
C VAL A 14 -4.47 -21.07 -5.09
N LEU A 15 -5.22 -20.18 -4.42
CA LEU A 15 -4.71 -18.85 -4.08
C LEU A 15 -3.94 -18.84 -2.76
N ALA A 16 -4.13 -19.86 -1.90
CA ALA A 16 -3.44 -19.97 -0.62
C ALA A 16 -2.87 -21.37 -0.48
N LEU A 17 -1.60 -21.48 -0.09
CA LEU A 17 -0.91 -22.74 0.09
C LEU A 17 -0.20 -22.82 1.45
N PRO A 18 -0.12 -24.01 2.06
CA PRO A 18 -0.67 -25.28 1.58
C PRO A 18 -2.16 -25.43 1.88
N ALA A 19 -2.83 -26.35 1.17
CA ALA A 19 -4.24 -26.63 1.40
C ALA A 19 -4.43 -27.36 2.74
N VAL A 20 -5.66 -27.28 3.32
CA VAL A 20 -6.03 -27.96 4.57
C VAL A 20 -5.92 -29.49 4.41
N PHE A 21 -6.49 -30.05 3.32
CA PHE A 21 -6.44 -31.48 3.05
C PHE A 21 -5.02 -32.05 3.01
N GLY A 22 -4.06 -31.22 2.61
CA GLY A 22 -2.66 -31.61 2.57
C GLY A 22 -2.09 -31.73 3.96
N VAL A 23 -2.53 -30.86 4.89
CA VAL A 23 -2.12 -30.87 6.29
C VAL A 23 -2.71 -32.09 7.02
N LEU A 24 -3.91 -32.51 6.65
CA LEU A 24 -4.54 -33.70 7.23
C LEU A 24 -3.74 -34.98 6.87
N GLY A 25 -3.21 -35.03 5.65
CA GLY A 25 -2.40 -36.15 5.18
C GLY A 25 -1.07 -36.17 5.87
N ARG A 26 -0.45 -34.99 6.06
CA ARG A 26 0.83 -34.90 6.75
C ARG A 26 0.68 -35.23 8.24
N THR A 27 -0.46 -34.85 8.85
CA THR A 27 -0.74 -35.15 10.24
C THR A 27 -0.86 -36.66 10.46
N GLU A 28 -1.50 -37.36 9.50
CA GLU A 28 -1.62 -38.81 9.57
C GLU A 28 -0.24 -39.47 9.54
N GLU A 29 0.65 -39.00 8.64
CA GLU A 29 2.02 -39.51 8.50
C GLU A 29 2.82 -39.23 9.76
N ALA A 30 2.75 -38.00 10.30
CA ALA A 30 3.50 -37.63 11.50
C ALA A 30 3.04 -38.40 12.73
N LEU A 31 1.72 -38.65 12.86
CA LEU A 31 1.21 -39.38 14.01
C LEU A 31 1.09 -40.89 13.78
N ALA A 32 1.61 -41.40 12.65
CA ALA A 32 1.55 -42.81 12.23
C ALA A 32 0.13 -43.40 12.27
N LEU A 33 -0.85 -42.59 11.88
CA LEU A 33 -2.23 -43.01 11.79
C LEU A 33 -2.45 -43.73 10.46
N PRO A 34 -3.47 -44.59 10.38
CA PRO A 34 -3.79 -45.23 9.10
C PRO A 34 -4.04 -44.19 8.00
N ARG A 35 -3.54 -44.43 6.79
CA ARG A 35 -3.70 -43.50 5.68
C ARG A 35 -5.18 -43.19 5.40
N GLY A 36 -5.44 -41.90 5.19
CA GLY A 36 -6.77 -41.40 4.92
C GLY A 36 -7.71 -41.32 6.12
N LEU A 37 -7.29 -41.70 7.33
CA LEU A 37 -8.20 -41.65 8.50
C LEU A 37 -8.82 -40.26 8.78
N LEU A 38 -7.99 -39.21 8.78
CA LEU A 38 -8.44 -37.86 9.04
C LEU A 38 -9.28 -37.32 7.90
N ASN A 39 -8.95 -37.68 6.64
CA ASN A 39 -9.74 -37.26 5.50
C ASN A 39 -11.12 -37.95 5.52
N ASP A 40 -11.20 -39.20 6.00
CA ASP A 40 -12.49 -39.89 6.11
C ASP A 40 -13.35 -39.27 7.21
N ALA A 41 -12.75 -38.93 8.35
CA ALA A 41 -13.50 -38.31 9.45
C ALA A 41 -13.99 -36.92 9.02
N PHE A 42 -13.17 -36.19 8.25
CA PHE A 42 -13.52 -34.87 7.74
C PHE A 42 -14.75 -34.94 6.83
N GLN A 43 -14.81 -35.97 5.97
CA GLN A 43 -15.94 -36.11 5.06
C GLN A 43 -17.08 -37.00 5.55
N LYS A 44 -16.99 -37.50 6.78
CA LYS A 44 -18.01 -38.40 7.34
C LYS A 44 -19.44 -37.87 7.27
N GLY A 45 -20.30 -38.62 6.58
CA GLY A 45 -21.70 -38.29 6.43
C GLY A 45 -22.07 -37.63 5.11
N GLY A 46 -21.08 -37.23 4.33
CA GLY A 46 -21.31 -36.55 3.06
C GLY A 46 -22.18 -35.31 3.19
N PRO A 47 -23.27 -35.26 2.39
CA PRO A 47 -24.18 -34.11 2.42
C PRO A 47 -24.88 -33.83 3.76
N GLU A 48 -25.09 -34.83 4.60
CA GLU A 48 -25.70 -34.61 5.93
C GLU A 48 -24.68 -34.52 7.08
N GLY A 49 -23.40 -34.61 6.76
CA GLY A 49 -22.36 -34.60 7.77
C GLY A 49 -22.02 -33.24 8.33
N ALA A 50 -21.27 -33.24 9.43
CA ALA A 50 -20.88 -32.03 10.12
C ALA A 50 -20.12 -31.03 9.25
N THR A 51 -19.25 -31.52 8.35
CA THR A 51 -18.44 -30.64 7.54
C THR A 51 -19.28 -29.90 6.53
N THR A 52 -20.29 -30.55 5.94
CA THR A 52 -21.18 -29.86 5.00
C THR A 52 -21.98 -28.77 5.72
N ARG A 53 -22.42 -29.06 6.96
CA ARG A 53 -23.17 -28.09 7.76
C ARG A 53 -22.27 -26.86 8.06
N LEU A 54 -20.98 -27.12 8.32
CA LEU A 54 -19.99 -26.08 8.55
C LEU A 54 -19.81 -25.23 7.27
N MET A 55 -19.57 -25.88 6.11
CA MET A 55 -19.36 -25.16 4.87
C MET A 55 -20.60 -24.39 4.39
N LYS A 56 -21.80 -24.84 4.79
CA LYS A 56 -23.02 -24.12 4.45
C LYS A 56 -23.33 -22.96 5.43
N GLY A 57 -22.58 -22.83 6.52
CA GLY A 57 -22.77 -21.78 7.50
C GLY A 57 -23.82 -22.09 8.53
N GLU A 58 -24.24 -23.36 8.64
CA GLU A 58 -25.26 -23.74 9.64
C GLU A 58 -24.72 -23.67 11.04
N ILE A 59 -23.46 -24.06 11.21
CA ILE A 59 -22.72 -24.04 12.47
C ILE A 59 -21.39 -23.32 12.22
N THR A 60 -20.75 -22.87 13.30
CA THR A 60 -19.47 -22.20 13.20
C THR A 60 -18.31 -23.21 13.36
N LEU A 61 -17.06 -22.77 13.09
CA LEU A 61 -15.88 -23.60 13.25
C LEU A 61 -15.75 -24.18 14.65
N SER A 62 -15.97 -23.35 15.69
CA SER A 62 -15.86 -23.84 17.07
C SER A 62 -16.94 -24.85 17.42
N GLN A 63 -18.12 -24.75 16.81
CA GLN A 63 -19.17 -25.76 17.04
C GLN A 63 -18.82 -27.08 16.29
N TRP A 64 -18.06 -27.01 15.20
CA TRP A 64 -17.71 -28.17 14.38
C TRP A 64 -16.57 -28.99 14.96
N ILE A 65 -15.62 -28.34 15.63
CA ILE A 65 -14.43 -28.99 16.19
C ILE A 65 -14.77 -30.24 17.02
N PRO A 66 -15.69 -30.20 18.01
CA PRO A 66 -16.02 -31.42 18.74
C PRO A 66 -16.78 -32.47 17.90
N LEU A 67 -17.52 -32.04 16.83
CA LEU A 67 -18.18 -33.01 15.96
C LEU A 67 -17.13 -33.75 15.13
N MET A 68 -16.07 -33.07 14.68
CA MET A 68 -14.98 -33.66 13.91
C MET A 68 -14.16 -34.62 14.80
N GLU A 69 -13.95 -34.26 16.09
CA GLU A 69 -13.22 -35.15 17.01
C GLU A 69 -14.00 -36.45 17.22
N GLU A 70 -15.32 -36.35 17.34
CA GLU A 70 -16.19 -37.51 17.48
C GLU A 70 -16.09 -38.37 16.20
N ASN A 71 -16.04 -37.74 15.02
CA ASN A 71 -15.88 -38.44 13.77
C ASN A 71 -14.53 -39.19 13.70
N CYS A 72 -13.46 -38.58 14.23
CA CYS A 72 -12.12 -39.17 14.29
C CYS A 72 -12.12 -40.42 15.15
N ARG A 73 -12.84 -40.39 16.27
CA ARG A 73 -12.97 -41.56 17.13
C ARG A 73 -13.79 -42.67 16.49
N LYS A 74 -14.90 -42.33 15.82
CA LYS A 74 -15.72 -43.33 15.13
C LYS A 74 -14.91 -44.02 14.03
N CYS A 75 -14.09 -43.24 13.29
CA CYS A 75 -13.26 -43.81 12.24
C CYS A 75 -12.13 -44.69 12.79
N SER A 76 -11.48 -44.25 13.88
CA SER A 76 -10.39 -45.00 14.49
C SER A 76 -10.90 -46.34 15.06
N GLU A 77 -12.13 -46.35 15.59
CA GLU A 77 -12.76 -47.55 16.13
C GLU A 77 -12.95 -48.62 15.05
N THR A 78 -13.46 -48.26 13.86
CA THR A 78 -13.65 -49.24 12.79
C THR A 78 -12.28 -49.68 12.19
N ALA A 79 -11.27 -48.80 12.21
CA ALA A 79 -9.93 -49.14 11.74
C ALA A 79 -9.12 -49.95 12.78
N LYS A 80 -9.67 -50.14 14.00
CA LYS A 80 -9.05 -50.85 15.10
C LYS A 80 -7.73 -50.22 15.52
N VAL A 81 -7.68 -48.89 15.59
CA VAL A 81 -6.49 -48.16 16.02
C VAL A 81 -6.83 -47.21 17.18
N CYS A 82 -5.82 -46.75 17.91
CA CYS A 82 -6.03 -45.79 18.99
C CYS A 82 -5.44 -44.45 18.60
N LEU A 83 -6.17 -43.37 18.88
CA LEU A 83 -5.65 -42.03 18.62
C LEU A 83 -4.69 -41.66 19.75
N PRO A 84 -3.59 -40.96 19.46
CA PRO A 84 -2.66 -40.55 20.55
C PRO A 84 -3.36 -39.78 21.67
N LYS A 85 -2.76 -39.78 22.86
CA LYS A 85 -3.31 -39.14 24.06
C LYS A 85 -3.52 -37.62 23.90
N ASN A 86 -2.55 -36.94 23.27
CA ASN A 86 -2.64 -35.50 23.06
C ASN A 86 -3.33 -35.11 21.74
N PHE A 87 -4.18 -35.99 21.16
CA PHE A 87 -4.87 -35.70 19.90
C PHE A 87 -5.83 -34.54 20.03
N SER A 88 -5.60 -33.47 19.26
CA SER A 88 -6.49 -32.31 19.32
C SER A 88 -6.78 -31.77 17.93
N ILE A 89 -8.06 -31.81 17.51
CA ILE A 89 -8.45 -31.28 16.21
C ILE A 89 -8.21 -29.78 16.14
N LYS A 90 -8.50 -29.05 17.22
CA LYS A 90 -8.31 -27.60 17.31
C LYS A 90 -6.84 -27.25 17.06
N GLU A 91 -5.94 -27.96 17.72
CA GLU A 91 -4.50 -27.70 17.57
C GLU A 91 -4.06 -27.96 16.12
N ILE A 92 -4.55 -29.04 15.50
CA ILE A 92 -4.22 -29.39 14.11
C ILE A 92 -4.75 -28.33 13.13
N PHE A 93 -6.00 -27.91 13.32
CA PHE A 93 -6.58 -26.89 12.44
C PHE A 93 -5.97 -25.52 12.64
N ASP A 94 -5.65 -25.13 13.90
CA ASP A 94 -4.99 -23.85 14.16
C ASP A 94 -3.69 -23.71 13.39
N LYS A 95 -2.85 -24.78 13.38
CA LYS A 95 -1.56 -24.77 12.70
C LYS A 95 -1.76 -24.79 11.19
N ALA A 96 -2.70 -25.61 10.68
CA ALA A 96 -3.00 -25.68 9.24
C ALA A 96 -3.41 -24.29 8.70
N ILE A 97 -4.35 -23.59 9.38
CA ILE A 97 -4.80 -22.26 8.96
C ILE A 97 -3.67 -21.25 9.05
N SER A 98 -2.91 -21.31 10.14
CA SER A 98 -1.78 -20.42 10.36
C SER A 98 -0.71 -20.55 9.29
N ALA A 99 -0.44 -21.78 8.82
CA ALA A 99 0.58 -22.04 7.83
C ALA A 99 0.25 -21.53 6.43
N ARG A 100 -1.04 -21.39 6.14
CA ARG A 100 -1.52 -20.96 4.84
C ARG A 100 -1.12 -19.53 4.49
N LYS A 101 -0.38 -19.38 3.39
CA LYS A 101 0.08 -18.08 2.87
C LYS A 101 -0.43 -17.90 1.44
N ILE A 102 -0.47 -16.66 0.96
CA ILE A 102 -0.88 -16.38 -0.41
C ILE A 102 0.13 -16.96 -1.39
N ASN A 103 -0.38 -17.63 -2.42
CA ASN A 103 0.40 -18.21 -3.47
C ASN A 103 0.64 -17.03 -4.42
N ARG A 104 1.73 -16.27 -4.18
CA ARG A 104 2.05 -15.06 -4.95
C ARG A 104 2.00 -15.24 -6.47
N PRO A 105 2.61 -16.29 -7.10
CA PRO A 105 2.48 -16.42 -8.57
C PRO A 105 1.04 -16.58 -9.09
N MET A 106 0.16 -17.22 -8.31
CA MET A 106 -1.24 -17.41 -8.69
C MET A 106 -1.99 -16.09 -8.58
N LEU A 107 -1.74 -15.32 -7.48
CA LEU A 107 -2.33 -14.01 -7.28
C LEU A 107 -1.84 -13.04 -8.37
N GLN A 108 -0.58 -13.14 -8.77
CA GLN A 108 -0.02 -12.28 -9.82
C GLN A 108 -0.68 -12.57 -11.17
N ALA A 109 -0.99 -13.85 -11.44
CA ALA A 109 -1.68 -14.22 -12.67
C ALA A 109 -3.12 -13.67 -12.66
N ALA A 110 -3.79 -13.69 -11.51
CA ALA A 110 -5.16 -13.16 -11.41
C ALA A 110 -5.14 -11.65 -11.66
N LEU A 111 -4.15 -10.95 -11.08
CA LEU A 111 -4.01 -9.50 -11.26
C LEU A 111 -3.75 -9.14 -12.71
N MET A 112 -2.91 -9.94 -13.39
CA MET A 112 -2.60 -9.73 -14.79
C MET A 112 -3.85 -9.95 -15.66
N LEU A 113 -4.65 -10.97 -15.36
CA LEU A 113 -5.87 -11.23 -16.12
C LEU A 113 -6.88 -10.09 -15.90
N ARG A 114 -6.97 -9.57 -14.68
CA ARG A 114 -7.89 -8.47 -14.37
C ARG A 114 -7.52 -7.18 -15.11
N LYS A 115 -6.23 -6.88 -15.22
CA LYS A 115 -5.77 -5.69 -15.94
C LYS A 115 -6.01 -5.84 -17.46
N LYS A 116 -6.06 -7.08 -17.97
CA LYS A 116 -6.36 -7.36 -19.37
C LYS A 116 -7.88 -7.45 -19.66
N GLY A 117 -8.73 -7.06 -18.70
CA GLY A 117 -10.17 -7.04 -18.88
C GLY A 117 -10.99 -8.22 -18.37
N PHE A 118 -10.36 -9.16 -17.66
CA PHE A 118 -11.08 -10.30 -17.12
C PHE A 118 -11.80 -9.94 -15.84
N THR A 119 -12.99 -10.52 -15.65
CA THR A 119 -13.68 -10.41 -14.39
C THR A 119 -13.08 -11.56 -13.57
N THR A 120 -12.66 -11.30 -12.33
CA THR A 120 -12.05 -12.34 -11.51
C THR A 120 -12.88 -12.58 -10.27
N ALA A 121 -12.94 -13.83 -9.83
CA ALA A 121 -13.71 -14.17 -8.65
C ALA A 121 -13.06 -15.28 -7.86
N ILE A 122 -13.38 -15.32 -6.58
CA ILE A 122 -12.99 -16.40 -5.71
C ILE A 122 -14.31 -17.13 -5.38
N LEU A 123 -14.36 -18.43 -5.61
CA LEU A 123 -15.50 -19.25 -5.25
C LEU A 123 -14.89 -20.28 -4.31
N THR A 124 -15.25 -20.24 -3.04
CA THR A 124 -14.65 -21.13 -2.07
C THR A 124 -15.59 -21.75 -1.07
N ASN A 125 -15.25 -22.97 -0.65
CA ASN A 125 -15.92 -23.64 0.44
C ASN A 125 -15.17 -23.21 1.67
N THR A 126 -15.79 -22.39 2.49
CA THR A 126 -15.15 -21.89 3.69
C THR A 126 -16.16 -21.87 4.87
N TRP A 127 -15.70 -21.51 6.06
CA TRP A 127 -16.51 -21.57 7.27
C TRP A 127 -16.56 -20.22 8.02
N LEU A 128 -17.47 -20.12 9.00
CA LEU A 128 -17.57 -18.97 9.88
C LEU A 128 -16.59 -19.24 10.99
N ASP A 129 -15.47 -18.53 10.98
CA ASP A 129 -14.40 -18.71 11.96
C ASP A 129 -14.59 -17.87 13.20
N ASP A 130 -14.89 -18.51 14.29
CA ASP A 130 -15.06 -17.84 15.58
C ASP A 130 -13.99 -18.25 16.60
N ARG A 131 -12.85 -18.80 16.13
CA ARG A 131 -11.75 -19.18 17.04
C ARG A 131 -11.13 -17.89 17.60
N ALA A 132 -10.40 -17.98 18.72
CA ALA A 132 -9.69 -16.82 19.25
C ALA A 132 -8.65 -16.28 18.26
N GLU A 133 -8.14 -17.13 17.36
CA GLU A 133 -7.13 -16.78 16.35
C GLU A 133 -7.74 -16.42 14.98
N ARG A 134 -9.06 -16.18 14.89
CA ARG A 134 -9.73 -15.86 13.64
C ARG A 134 -9.18 -14.62 12.91
N ASP A 135 -8.47 -13.72 13.61
N ASP A 135 -8.47 -13.73 13.61
CA ASP A 135 -7.92 -12.52 12.99
CA ASP A 135 -7.89 -12.52 13.02
C ASP A 135 -6.94 -12.84 11.86
C ASP A 135 -6.89 -12.81 11.90
N GLY A 136 -6.20 -13.93 11.98
CA GLY A 136 -5.24 -14.33 10.96
C GLY A 136 -5.92 -14.62 9.64
N LEU A 137 -7.08 -15.27 9.71
CA LEU A 137 -7.88 -15.55 8.53
C LEU A 137 -8.50 -14.26 7.97
N ALA A 138 -9.03 -13.38 8.86
CA ALA A 138 -9.63 -12.10 8.43
C ALA A 138 -8.59 -11.27 7.67
N GLN A 139 -7.33 -11.27 8.14
CA GLN A 139 -6.24 -10.53 7.49
C GLN A 139 -5.95 -11.11 6.11
N LEU A 140 -5.90 -12.44 5.99
CA LEU A 140 -5.68 -13.10 4.72
C LEU A 140 -6.79 -12.75 3.73
N MET A 141 -8.06 -12.84 4.16
CA MET A 141 -9.19 -12.51 3.30
C MET A 141 -9.19 -11.08 2.86
N CYS A 142 -8.81 -10.14 3.74
CA CYS A 142 -8.77 -8.72 3.36
C CYS A 142 -7.72 -8.45 2.31
N GLU A 143 -6.56 -9.12 2.40
CA GLU A 143 -5.51 -8.92 1.42
C GLU A 143 -5.96 -9.41 0.04
N LEU A 144 -6.59 -10.59 -0.01
CA LEU A 144 -7.03 -11.17 -1.27
C LEU A 144 -8.20 -10.43 -1.88
N LYS A 145 -9.21 -10.11 -1.06
CA LYS A 145 -10.45 -9.44 -1.43
C LYS A 145 -10.26 -8.27 -2.38
N MET A 146 -9.34 -7.36 -2.07
CA MET A 146 -9.11 -6.15 -2.84
C MET A 146 -8.66 -6.37 -4.27
N HIS A 147 -8.20 -7.59 -4.61
CA HIS A 147 -7.74 -7.87 -5.96
C HIS A 147 -8.77 -8.57 -6.83
N PHE A 148 -9.95 -8.93 -6.27
CA PHE A 148 -10.95 -9.65 -7.04
C PHE A 148 -12.26 -8.91 -7.19
N ASP A 149 -12.97 -9.15 -8.30
CA ASP A 149 -14.26 -8.51 -8.51
C ASP A 149 -15.30 -9.10 -7.57
N PHE A 150 -15.27 -10.41 -7.35
CA PHE A 150 -16.24 -11.07 -6.47
C PHE A 150 -15.59 -12.07 -5.53
N LEU A 151 -16.17 -12.23 -4.36
CA LEU A 151 -15.75 -13.21 -3.38
C LEU A 151 -17.05 -13.91 -2.99
N ILE A 152 -17.18 -15.18 -3.34
CA ILE A 152 -18.35 -15.97 -3.04
C ILE A 152 -17.93 -17.07 -2.09
N GLU A 153 -18.44 -17.02 -0.87
CA GLU A 153 -18.11 -17.98 0.15
C GLU A 153 -19.31 -18.86 0.42
N SER A 154 -19.07 -20.16 0.49
CA SER A 154 -20.13 -21.13 0.72
C SER A 154 -20.96 -20.85 1.97
N CYS A 155 -20.31 -20.51 3.09
CA CYS A 155 -20.98 -20.25 4.36
C CYS A 155 -21.86 -19.00 4.35
N GLN A 156 -21.69 -18.11 3.36
CA GLN A 156 -22.52 -16.93 3.26
C GLN A 156 -23.70 -17.14 2.34
N VAL A 157 -23.56 -18.01 1.31
CA VAL A 157 -24.65 -18.26 0.38
C VAL A 157 -25.43 -19.55 0.69
N GLY A 158 -25.01 -20.36 1.67
CA GLY A 158 -25.72 -21.57 2.03
C GLY A 158 -25.63 -22.71 1.03
N MET A 159 -24.65 -22.67 0.14
CA MET A 159 -24.45 -23.72 -0.89
C MET A 159 -22.97 -24.13 -0.89
N VAL A 160 -22.65 -25.37 -1.27
CA VAL A 160 -21.26 -25.79 -1.33
C VAL A 160 -20.91 -26.37 -2.69
N LYS A 161 -19.62 -26.31 -3.06
CA LYS A 161 -19.14 -27.06 -4.22
C LYS A 161 -19.05 -28.53 -3.70
N PRO A 162 -19.49 -29.56 -4.45
CA PRO A 162 -19.86 -29.54 -5.87
C PRO A 162 -21.34 -29.46 -6.23
N GLU A 163 -22.24 -28.96 -5.35
CA GLU A 163 -23.67 -28.84 -5.69
C GLU A 163 -23.85 -27.95 -6.92
N PRO A 164 -24.62 -28.41 -7.93
CA PRO A 164 -24.69 -27.64 -9.19
C PRO A 164 -25.27 -26.24 -9.08
N GLN A 165 -26.10 -25.96 -8.06
CA GLN A 165 -26.68 -24.64 -7.91
C GLN A 165 -25.66 -23.56 -7.53
N ILE A 166 -24.53 -23.91 -6.85
CA ILE A 166 -23.51 -22.89 -6.57
C ILE A 166 -22.85 -22.41 -7.88
N TYR A 167 -22.74 -23.30 -8.90
CA TYR A 167 -22.18 -22.94 -10.21
C TYR A 167 -23.15 -22.06 -10.98
N LYS A 168 -24.46 -22.34 -10.86
CA LYS A 168 -25.48 -21.49 -11.49
C LYS A 168 -25.46 -20.12 -10.81
N PHE A 169 -25.32 -20.09 -9.47
CA PHE A 169 -25.23 -18.83 -8.72
C PHE A 169 -24.02 -18.01 -9.19
N LEU A 170 -22.88 -18.68 -9.41
CA LEU A 170 -21.65 -18.05 -9.88
C LEU A 170 -21.87 -17.41 -11.25
N LEU A 171 -22.48 -18.14 -12.19
CA LEU A 171 -22.72 -17.63 -13.55
C LEU A 171 -23.65 -16.44 -13.54
N ASP A 172 -24.65 -16.46 -12.65
CA ASP A 172 -25.60 -15.35 -12.51
C ASP A 172 -24.90 -14.12 -11.95
N THR A 173 -23.98 -14.31 -11.00
CA THR A 173 -23.21 -13.24 -10.38
C THR A 173 -22.24 -12.62 -11.39
N LEU A 174 -21.62 -13.46 -12.23
CA LEU A 174 -20.66 -12.98 -13.22
C LEU A 174 -21.32 -12.40 -14.47
N LYS A 175 -22.60 -12.73 -14.72
CA LYS A 175 -23.30 -12.29 -15.94
C LYS A 175 -22.58 -12.86 -17.16
N ALA A 176 -22.18 -14.14 -17.09
CA ALA A 176 -21.46 -14.77 -18.18
C ALA A 176 -21.99 -16.16 -18.48
N SER A 177 -21.81 -16.59 -19.73
CA SER A 177 -22.20 -17.94 -20.11
C SER A 177 -21.01 -18.88 -19.80
N PRO A 178 -21.30 -20.15 -19.52
CA PRO A 178 -20.22 -21.08 -19.13
C PRO A 178 -18.96 -21.10 -20.00
N SER A 179 -19.09 -20.98 -21.33
CA SER A 179 -17.93 -21.05 -22.25
C SER A 179 -17.00 -19.83 -22.18
N GLU A 180 -17.43 -18.75 -21.51
CA GLU A 180 -16.60 -17.56 -21.29
C GLU A 180 -15.82 -17.64 -19.94
N VAL A 181 -15.95 -18.74 -19.19
CA VAL A 181 -15.35 -18.87 -17.87
C VAL A 181 -14.27 -19.93 -17.76
N VAL A 182 -13.13 -19.56 -17.12
CA VAL A 182 -12.11 -20.51 -16.78
C VAL A 182 -12.17 -20.70 -15.28
N PHE A 183 -12.22 -21.95 -14.84
CA PHE A 183 -12.41 -22.30 -13.45
C PHE A 183 -11.20 -23.10 -12.96
N LEU A 184 -10.50 -22.60 -11.93
CA LEU A 184 -9.33 -23.27 -11.37
C LEU A 184 -9.64 -23.81 -9.99
N ASP A 185 -9.32 -25.09 -9.78
CA ASP A 185 -9.55 -25.74 -8.51
C ASP A 185 -8.60 -26.89 -8.35
N ASP A 186 -8.21 -27.20 -7.12
CA ASP A 186 -7.32 -28.31 -6.84
C ASP A 186 -8.08 -29.64 -6.58
N ILE A 187 -9.42 -29.60 -6.46
CA ILE A 187 -10.25 -30.78 -6.20
C ILE A 187 -10.97 -31.14 -7.49
N GLY A 188 -10.65 -32.31 -8.03
CA GLY A 188 -11.25 -32.81 -9.26
C GLY A 188 -12.75 -32.88 -9.22
N ALA A 189 -13.31 -33.37 -8.12
CA ALA A 189 -14.76 -33.46 -7.94
C ALA A 189 -15.44 -32.09 -8.10
N ASN A 190 -14.77 -30.99 -7.71
CA ASN A 190 -15.35 -29.64 -7.84
C ASN A 190 -15.32 -29.08 -9.25
N LEU A 191 -14.54 -29.68 -10.15
CA LEU A 191 -14.49 -29.25 -11.54
C LEU A 191 -15.57 -29.89 -12.39
N LYS A 192 -15.98 -31.12 -12.04
CA LYS A 192 -16.98 -31.86 -12.84
C LYS A 192 -18.24 -31.05 -13.16
N PRO A 193 -18.91 -30.36 -12.18
CA PRO A 193 -20.10 -29.58 -12.54
C PRO A 193 -19.79 -28.41 -13.45
N ALA A 194 -18.62 -27.77 -13.28
CA ALA A 194 -18.22 -26.66 -14.12
C ALA A 194 -18.02 -27.14 -15.56
N ARG A 195 -17.40 -28.33 -15.72
CA ARG A 195 -17.18 -28.95 -17.02
C ARG A 195 -18.51 -29.35 -17.69
N ASP A 196 -19.47 -29.95 -16.93
CA ASP A 196 -20.81 -30.30 -17.47
C ASP A 196 -21.52 -29.08 -18.04
N LEU A 197 -21.34 -27.90 -17.42
CA LEU A 197 -21.94 -26.66 -17.92
C LEU A 197 -21.24 -26.11 -19.17
N GLY A 198 -20.01 -26.54 -19.43
CA GLY A 198 -19.24 -26.08 -20.57
C GLY A 198 -18.09 -25.15 -20.25
N MET A 199 -17.77 -24.99 -18.95
CA MET A 199 -16.67 -24.11 -18.54
C MET A 199 -15.32 -24.76 -18.81
N VAL A 200 -14.31 -23.92 -19.06
CA VAL A 200 -12.93 -24.42 -19.18
C VAL A 200 -12.47 -24.63 -17.74
N THR A 201 -11.94 -25.81 -17.44
CA THR A 201 -11.49 -26.11 -16.10
C THR A 201 -10.01 -26.42 -16.12
N ILE A 202 -9.32 -26.10 -15.01
CA ILE A 202 -7.91 -26.40 -14.87
C ILE A 202 -7.74 -27.05 -13.51
N LEU A 203 -7.21 -28.27 -13.46
CA LEU A 203 -6.99 -28.98 -12.20
C LEU A 203 -5.65 -28.52 -11.70
N VAL A 204 -5.62 -27.91 -10.52
CA VAL A 204 -4.40 -27.36 -9.98
C VAL A 204 -3.69 -28.36 -9.08
N GLN A 205 -2.57 -28.93 -9.56
CA GLN A 205 -1.76 -29.80 -8.72
C GLN A 205 -0.55 -28.92 -8.36
N ASP A 206 0.31 -28.57 -9.32
CA ASP A 206 1.39 -27.63 -9.05
C ASP A 206 1.05 -26.31 -9.75
N THR A 207 1.48 -25.21 -9.16
CA THR A 207 1.19 -23.88 -9.66
C THR A 207 1.69 -23.64 -11.08
N ASP A 208 2.96 -23.97 -11.35
CA ASP A 208 3.55 -23.72 -12.66
C ASP A 208 2.80 -24.37 -13.80
N THR A 209 2.46 -25.67 -13.68
CA THR A 209 1.70 -26.36 -14.72
C THR A 209 0.29 -25.74 -14.89
N ALA A 210 -0.36 -25.35 -13.79
CA ALA A 210 -1.69 -24.71 -13.89
C ALA A 210 -1.59 -23.37 -14.61
N LEU A 211 -0.50 -22.62 -14.36
CA LEU A 211 -0.29 -21.35 -15.04
C LEU A 211 0.01 -21.52 -16.50
N LYS A 212 0.73 -22.60 -16.89
CA LYS A 212 1.00 -22.89 -18.30
C LYS A 212 -0.30 -23.19 -19.01
N GLU A 213 -1.22 -23.96 -18.38
CA GLU A 213 -2.53 -24.25 -18.97
C GLU A 213 -3.34 -22.96 -19.12
N LEU A 214 -3.32 -22.12 -18.09
CA LEU A 214 -4.01 -20.85 -18.09
C LEU A 214 -3.50 -19.92 -19.21
N GLU A 215 -2.16 -19.85 -19.43
CA GLU A 215 -1.58 -19.04 -20.52
C GLU A 215 -2.07 -19.58 -21.85
N LYS A 216 -2.03 -20.91 -22.04
CA LYS A 216 -2.43 -21.52 -23.30
C LYS A 216 -3.87 -21.21 -23.65
N VAL A 217 -4.78 -21.32 -22.67
CA VAL A 217 -6.21 -21.11 -22.93
C VAL A 217 -6.59 -19.61 -23.02
N THR A 218 -5.89 -18.70 -22.33
CA THR A 218 -6.23 -17.28 -22.39
C THR A 218 -5.45 -16.50 -23.46
N GLY A 219 -4.30 -17.04 -23.87
CA GLY A 219 -3.42 -16.38 -24.83
C GLY A 219 -2.61 -15.25 -24.22
N ILE A 220 -2.59 -15.15 -22.88
CA ILE A 220 -1.87 -14.10 -22.15
C ILE A 220 -0.67 -14.68 -21.42
N GLN A 221 0.50 -14.02 -21.49
CA GLN A 221 1.69 -14.48 -20.79
C GLN A 221 1.51 -14.17 -19.31
N LEU A 222 1.71 -15.16 -18.46
CA LEU A 222 1.52 -15.04 -17.04
C LEU A 222 2.73 -15.49 -16.23
N LEU A 223 3.50 -16.44 -16.74
CA LEU A 223 4.55 -17.07 -15.98
C LEU A 223 5.91 -16.33 -15.89
N ASN A 224 6.53 -15.96 -17.02
CA ASN A 224 7.86 -15.33 -16.97
C ASN A 224 7.83 -13.81 -17.16
N THR A 225 6.74 -13.18 -16.75
CA THR A 225 6.54 -11.73 -16.90
C THR A 225 7.38 -10.89 -15.94
N PRO A 226 7.66 -9.62 -16.26
CA PRO A 226 8.43 -8.78 -15.31
C PRO A 226 7.65 -8.48 -14.03
N ALA A 227 8.37 -8.14 -12.95
CA ALA A 227 7.79 -7.83 -11.63
C ALA A 227 6.81 -6.67 -11.76
N PRO A 228 5.59 -6.82 -11.26
CA PRO A 228 4.61 -5.73 -11.37
C PRO A 228 4.88 -4.60 -10.37
N LEU A 229 4.28 -3.43 -10.61
CA LEU A 229 4.42 -2.32 -9.68
C LEU A 229 3.60 -2.64 -8.40
N PRO A 230 3.93 -2.03 -7.24
CA PRO A 230 3.11 -2.25 -6.04
C PRO A 230 1.66 -1.85 -6.27
N THR A 231 0.72 -2.36 -5.45
CA THR A 231 -0.68 -1.97 -5.61
C THR A 231 -0.84 -0.46 -5.23
N SER A 232 -1.62 0.26 -6.02
CA SER A 232 -1.85 1.68 -5.89
C SER A 232 -3.27 1.99 -5.36
N CYS A 233 -3.53 3.22 -4.91
CA CYS A 233 -4.81 3.71 -4.36
C CYS A 233 -5.77 4.12 -5.37
N ASN A 234 -7.04 3.86 -5.12
CA ASN A 234 -8.10 4.46 -5.92
C ASN A 234 -8.68 5.51 -4.95
N PRO A 235 -8.53 6.81 -5.28
CA PRO A 235 -9.03 7.88 -4.41
C PRO A 235 -10.47 7.72 -3.88
N SER A 236 -11.37 7.21 -4.73
CA SER A 236 -12.78 7.00 -4.40
C SER A 236 -13.00 5.91 -3.37
N ASP A 237 -12.06 4.98 -3.21
CA ASP A 237 -12.16 3.90 -2.24
C ASP A 237 -11.49 4.19 -0.89
N MET A 238 -10.91 5.37 -0.71
CA MET A 238 -10.22 5.69 0.53
C MET A 238 -11.16 6.35 1.53
N SER A 239 -10.81 6.24 2.81
CA SER A 239 -11.52 6.94 3.85
C SER A 239 -10.89 8.33 3.87
N HIS A 240 -11.70 9.37 3.74
CA HIS A 240 -11.21 10.74 3.76
C HIS A 240 -11.52 11.35 5.12
N GLY A 241 -10.51 11.92 5.77
CA GLY A 241 -10.64 12.55 7.06
C GLY A 241 -10.44 14.05 6.97
N TYR A 242 -11.13 14.82 7.83
CA TYR A 242 -11.05 16.28 7.85
C TYR A 242 -10.99 16.72 9.29
N VAL A 243 -9.98 17.52 9.65
CA VAL A 243 -9.80 18.03 11.00
C VAL A 243 -9.58 19.54 10.92
N THR A 244 -10.31 20.32 11.72
CA THR A 244 -10.08 21.76 11.79
C THR A 244 -9.04 21.99 12.86
N VAL A 245 -7.87 22.51 12.49
CA VAL A 245 -6.81 22.76 13.47
C VAL A 245 -6.86 24.20 14.04
N LYS A 246 -7.41 25.15 13.28
CA LYS A 246 -7.58 26.57 13.63
C LYS A 246 -8.87 27.00 12.93
N PRO A 247 -9.54 28.09 13.37
CA PRO A 247 -10.81 28.49 12.71
C PRO A 247 -10.78 28.53 11.18
N ARG A 248 -9.74 29.10 10.54
CA ARG A 248 -9.72 29.13 9.07
C ARG A 248 -8.95 27.93 8.41
N VAL A 249 -8.41 26.99 9.22
CA VAL A 249 -7.58 25.92 8.68
C VAL A 249 -8.07 24.52 8.95
N ARG A 250 -8.39 23.81 7.90
CA ARG A 250 -8.83 22.42 7.99
C ARG A 250 -7.86 21.57 7.20
N LEU A 251 -7.39 20.46 7.78
CA LEU A 251 -6.49 19.56 7.08
C LEU A 251 -7.24 18.30 6.61
N HIS A 252 -7.01 17.91 5.35
CA HIS A 252 -7.57 16.69 4.80
C HIS A 252 -6.48 15.61 4.78
N PHE A 253 -6.86 14.37 5.06
CA PHE A 253 -5.96 13.23 4.98
C PHE A 253 -6.74 12.00 4.53
N VAL A 254 -6.02 10.98 4.05
CA VAL A 254 -6.60 9.69 3.75
C VAL A 254 -5.99 8.74 4.77
N GLU A 255 -6.79 7.76 5.16
CA GLU A 255 -6.39 6.86 6.22
C GLU A 255 -6.60 5.43 5.83
N LEU A 256 -5.63 4.57 6.15
CA LEU A 256 -5.75 3.15 5.88
C LEU A 256 -4.92 2.37 6.89
N GLY A 257 -5.47 1.26 7.39
CA GLY A 257 -4.74 0.36 8.27
C GLY A 257 -4.94 0.56 9.75
N SER A 258 -4.38 -0.35 10.54
CA SER A 258 -4.38 -0.30 11.99
C SER A 258 -2.97 -0.55 12.48
N GLY A 259 -2.67 -0.05 13.66
CA GLY A 259 -1.34 -0.19 14.23
C GLY A 259 -0.75 1.18 14.53
N PRO A 260 0.57 1.25 14.73
CA PRO A 260 1.19 2.56 15.04
C PRO A 260 0.93 3.56 13.92
N ALA A 261 0.65 4.81 14.28
CA ALA A 261 0.34 5.86 13.33
C ALA A 261 1.58 6.30 12.58
N VAL A 262 1.45 6.41 11.27
CA VAL A 262 2.50 6.85 10.35
C VAL A 262 1.93 8.01 9.54
N CYS A 263 2.49 9.18 9.69
CA CYS A 263 2.03 10.37 8.99
CA CYS A 263 2.06 10.39 8.97
C CYS A 263 2.95 10.65 7.79
N LEU A 264 2.39 10.69 6.59
CA LEU A 264 3.13 10.93 5.35
C LEU A 264 2.95 12.35 4.91
N CYS A 265 4.04 13.05 4.67
CA CYS A 265 4.05 14.47 4.33
C CYS A 265 4.69 14.71 2.96
N HIS A 266 3.86 15.00 1.97
CA HIS A 266 4.30 15.21 0.59
C HIS A 266 5.05 16.53 0.38
N GLY A 267 5.70 16.67 -0.76
CA GLY A 267 6.40 17.90 -1.09
C GLY A 267 5.69 18.76 -2.12
N PHE A 268 6.46 19.58 -2.81
CA PHE A 268 5.96 20.52 -3.79
C PHE A 268 6.19 20.05 -5.21
N PRO A 269 5.22 20.24 -6.10
CA PRO A 269 3.83 20.67 -5.87
C PRO A 269 2.97 19.40 -5.92
N GLU A 270 2.83 18.71 -4.78
CA GLU A 270 2.24 17.39 -4.83
C GLU A 270 0.87 17.26 -4.10
N SER A 271 0.61 16.12 -3.50
CA SER A 271 -0.69 15.77 -2.97
C SER A 271 -0.49 14.55 -2.06
N TRP A 272 -1.52 14.16 -1.30
CA TRP A 272 -1.50 12.89 -0.56
C TRP A 272 -1.30 11.72 -1.57
N TYR A 273 -1.82 11.90 -2.81
CA TYR A 273 -1.77 10.95 -3.91
C TYR A 273 -0.34 10.60 -4.34
N SER A 274 0.67 11.42 -3.99
CA SER A 274 2.06 11.04 -4.28
C SER A 274 2.51 9.82 -3.49
N TRP A 275 1.77 9.42 -2.42
CA TRP A 275 2.10 8.23 -1.66
C TRP A 275 1.23 7.04 -2.05
N ARG A 276 0.50 7.10 -3.20
CA ARG A 276 -0.39 6.03 -3.68
C ARG A 276 0.23 4.62 -3.65
N TYR A 277 1.54 4.47 -3.93
CA TYR A 277 2.18 3.16 -3.89
C TYR A 277 2.65 2.73 -2.50
N GLN A 278 2.76 3.67 -1.55
CA GLN A 278 3.24 3.36 -0.21
C GLN A 278 2.07 3.05 0.72
N ILE A 279 0.92 3.73 0.56
CA ILE A 279 -0.22 3.59 1.47
C ILE A 279 -0.68 2.13 1.62
N PRO A 280 -0.99 1.34 0.57
CA PRO A 280 -1.40 -0.05 0.79
C PRO A 280 -0.26 -0.89 1.36
N ALA A 281 0.98 -0.73 0.89
CA ALA A 281 2.11 -1.51 1.41
C ALA A 281 2.36 -1.29 2.92
N LEU A 282 2.34 -0.02 3.37
CA LEU A 282 2.58 0.31 4.77
C LEU A 282 1.39 -0.17 5.62
N ALA A 283 0.15 -0.10 5.10
CA ALA A 283 -1.01 -0.59 5.87
C ALA A 283 -0.91 -2.13 6.01
N GLN A 284 -0.55 -2.83 4.91
N GLN A 284 -0.56 -2.84 4.92
CA GLN A 284 -0.41 -4.29 4.91
CA GLN A 284 -0.42 -4.30 4.98
C GLN A 284 0.75 -4.75 5.84
C GLN A 284 0.73 -4.73 5.88
N ALA A 285 1.76 -3.89 6.01
CA ALA A 285 2.88 -4.19 6.91
C ALA A 285 2.51 -4.00 8.39
N GLY A 286 1.30 -3.50 8.72
CA GLY A 286 0.83 -3.37 10.10
C GLY A 286 0.87 -1.97 10.68
N TYR A 287 0.65 -0.95 9.84
CA TYR A 287 0.67 0.43 10.29
C TYR A 287 -0.60 1.13 9.91
N ARG A 288 -0.94 2.17 10.68
CA ARG A 288 -2.09 3.00 10.40
C ARG A 288 -1.50 4.22 9.68
N VAL A 289 -1.76 4.31 8.41
CA VAL A 289 -1.20 5.34 7.56
C VAL A 289 -2.13 6.54 7.46
N LEU A 290 -1.61 7.73 7.66
CA LEU A 290 -2.33 8.97 7.47
C LEU A 290 -1.54 9.76 6.40
N ALA A 291 -2.08 9.85 5.19
CA ALA A 291 -1.39 10.56 4.12
C ALA A 291 -2.08 11.93 4.00
N MET A 292 -1.36 12.98 4.35
CA MET A 292 -1.92 14.32 4.36
C MET A 292 -2.00 15.00 3.02
N ASP A 293 -2.89 15.98 2.92
CA ASP A 293 -2.83 17.02 1.94
C ASP A 293 -2.23 18.10 2.84
N MET A 294 -0.99 18.55 2.56
CA MET A 294 -0.36 19.56 3.41
C MET A 294 -1.12 20.87 3.25
N LYS A 295 -0.95 21.83 4.18
CA LYS A 295 -1.62 23.13 4.09
C LYS A 295 -1.25 23.82 2.75
N GLY A 296 -2.27 24.33 2.06
CA GLY A 296 -2.12 24.96 0.75
C GLY A 296 -2.47 24.05 -0.43
N TYR A 297 -2.70 22.76 -0.17
CA TYR A 297 -2.91 21.74 -1.17
C TYR A 297 -4.24 20.98 -1.08
N GLY A 298 -4.70 20.53 -2.23
CA GLY A 298 -5.85 19.66 -2.40
C GLY A 298 -7.08 20.08 -1.63
N GLU A 299 -7.57 19.19 -0.76
CA GLU A 299 -8.73 19.51 0.05
C GLU A 299 -8.40 20.18 1.39
N SER A 300 -7.10 20.44 1.70
CA SER A 300 -6.75 21.18 2.90
C SER A 300 -6.93 22.67 2.62
N SER A 301 -7.09 23.47 3.67
CA SER A 301 -7.25 24.90 3.53
C SER A 301 -6.01 25.53 2.92
N ALA A 302 -6.22 26.59 2.16
CA ALA A 302 -5.15 27.31 1.50
C ALA A 302 -5.30 28.83 1.71
N PRO A 303 -5.08 29.35 2.93
CA PRO A 303 -5.18 30.81 3.14
C PRO A 303 -4.14 31.53 2.29
N PRO A 304 -4.44 32.75 1.83
CA PRO A 304 -3.51 33.43 0.92
C PRO A 304 -2.27 34.04 1.59
N GLU A 305 -2.31 34.30 2.90
CA GLU A 305 -1.24 34.98 3.62
C GLU A 305 0.02 34.19 3.62
N ILE A 306 1.15 34.86 3.35
CA ILE A 306 2.46 34.22 3.28
C ILE A 306 2.88 33.59 4.61
N GLU A 307 2.73 34.34 5.69
CA GLU A 307 3.14 33.94 7.03
C GLU A 307 2.36 32.71 7.58
N GLU A 308 1.27 32.31 6.92
CA GLU A 308 0.55 31.10 7.27
C GLU A 308 1.38 29.84 6.86
N TYR A 309 2.46 30.00 6.07
CA TYR A 309 3.24 28.86 5.60
C TYR A 309 4.66 28.81 6.12
N CYS A 310 4.97 29.57 7.18
CA CYS A 310 6.29 29.50 7.78
C CYS A 310 6.35 28.19 8.62
N MET A 311 7.53 27.61 8.77
CA MET A 311 7.70 26.33 9.45
C MET A 311 7.14 26.31 10.85
N GLU A 312 7.30 27.42 11.60
CA GLU A 312 6.80 27.47 12.96
C GLU A 312 5.28 27.24 13.02
N VAL A 313 4.55 27.87 12.10
CA VAL A 313 3.10 27.73 12.05
C VAL A 313 2.71 26.35 11.58
N LEU A 314 3.37 25.87 10.54
CA LEU A 314 3.06 24.55 9.99
C LEU A 314 3.29 23.43 11.02
N CYS A 315 4.39 23.49 11.77
CA CYS A 315 4.70 22.48 12.76
C CYS A 315 3.70 22.53 13.90
N LYS A 316 3.32 23.72 14.35
CA LYS A 316 2.33 23.89 15.41
C LYS A 316 1.00 23.28 15.01
N GLU A 317 0.58 23.48 13.74
CA GLU A 317 -0.66 22.90 13.26
C GLU A 317 -0.60 21.40 13.15
N MET A 318 0.58 20.82 12.84
CA MET A 318 0.73 19.37 12.79
C MET A 318 0.60 18.75 14.19
N VAL A 319 1.06 19.46 15.22
CA VAL A 319 0.92 19.06 16.61
C VAL A 319 -0.57 19.09 16.99
N THR A 320 -1.28 20.16 16.64
CA THR A 320 -2.72 20.27 16.86
C THR A 320 -3.48 19.17 16.15
N PHE A 321 -3.04 18.82 14.93
CA PHE A 321 -3.63 17.73 14.16
C PHE A 321 -3.58 16.40 14.99
N LEU A 322 -2.40 16.08 15.58
CA LEU A 322 -2.24 14.90 16.44
C LEU A 322 -3.17 15.00 17.68
N ASP A 323 -3.21 16.19 18.33
CA ASP A 323 -4.08 16.43 19.49
C ASP A 323 -5.54 16.16 19.18
N LYS A 324 -6.06 16.71 18.07
CA LYS A 324 -7.46 16.54 17.73
C LYS A 324 -7.81 15.11 17.36
N LEU A 325 -6.84 14.35 16.83
CA LEU A 325 -7.07 12.94 16.53
C LEU A 325 -6.86 12.04 17.75
N GLY A 326 -6.31 12.57 18.85
CA GLY A 326 -6.04 11.81 20.06
C GLY A 326 -4.80 10.95 19.92
N LEU A 327 -3.81 11.40 19.11
CA LEU A 327 -2.59 10.65 18.94
C LEU A 327 -1.51 11.31 19.76
N SER A 328 -0.94 10.58 20.73
CA SER A 328 0.15 11.12 21.52
C SER A 328 1.42 11.18 20.68
N GLN A 329 1.59 10.24 19.72
CA GLN A 329 2.75 10.17 18.83
C GLN A 329 2.37 9.66 17.43
N ALA A 330 3.23 9.99 16.45
CA ALA A 330 3.18 9.42 15.12
C ALA A 330 4.59 9.35 14.57
N VAL A 331 4.83 8.39 13.69
CA VAL A 331 6.08 8.34 12.95
C VAL A 331 5.85 9.40 11.83
N PHE A 332 6.83 10.28 11.58
CA PHE A 332 6.68 11.27 10.53
C PHE A 332 7.60 10.94 9.36
N ILE A 333 7.06 10.83 8.16
CA ILE A 333 7.85 10.55 6.95
C ILE A 333 7.55 11.64 5.96
N GLY A 334 8.55 12.37 5.54
CA GLY A 334 8.37 13.46 4.61
C GLY A 334 9.22 13.33 3.37
N HIS A 335 8.84 14.01 2.32
CA HIS A 335 9.61 14.04 1.07
C HIS A 335 9.62 15.50 0.61
N ASP A 336 10.78 16.00 0.15
CA ASP A 336 10.88 17.37 -0.35
C ASP A 336 10.50 18.39 0.77
N TRP A 337 9.60 19.36 0.54
CA TRP A 337 9.17 20.29 1.60
C TRP A 337 8.63 19.58 2.84
N GLY A 338 8.00 18.42 2.65
CA GLY A 338 7.50 17.62 3.76
C GLY A 338 8.62 17.05 4.62
N GLY A 339 9.76 16.76 4.01
CA GLY A 339 10.94 16.21 4.67
C GLY A 339 11.59 17.29 5.51
N MET A 340 11.58 18.55 5.01
CA MET A 340 12.07 19.70 5.74
C MET A 340 11.26 19.85 7.06
N LEU A 341 9.92 19.77 6.93
CA LEU A 341 9.01 19.90 8.05
C LEU A 341 9.22 18.79 9.10
N VAL A 342 9.43 17.52 8.65
CA VAL A 342 9.57 16.43 9.61
C VAL A 342 10.88 16.56 10.42
N TRP A 343 11.98 17.12 9.86
CA TRP A 343 13.17 17.31 10.67
C TRP A 343 12.90 18.34 11.78
N TYR A 344 12.14 19.38 11.48
CA TYR A 344 11.82 20.41 12.45
C TYR A 344 10.78 19.93 13.46
N MET A 345 9.92 18.96 13.11
CA MET A 345 9.01 18.36 14.08
C MET A 345 9.86 17.58 15.13
N ALA A 346 10.88 16.86 14.67
CA ALA A 346 11.75 16.10 15.57
C ALA A 346 12.58 17.06 16.47
N LEU A 347 12.99 18.22 15.95
CA LEU A 347 13.77 19.19 16.73
C LEU A 347 12.95 19.96 17.75
N PHE A 348 11.67 20.27 17.45
CA PHE A 348 10.86 21.10 18.35
C PHE A 348 9.82 20.35 19.16
N TYR A 349 9.34 19.21 18.68
CA TYR A 349 8.34 18.43 19.40
C TYR A 349 8.77 16.94 19.44
N PRO A 350 9.96 16.60 19.99
CA PRO A 350 10.40 15.18 19.96
C PRO A 350 9.46 14.23 20.68
N GLU A 351 8.72 14.71 21.67
N GLU A 351 8.72 14.73 21.67
CA GLU A 351 7.79 13.85 22.42
CA GLU A 351 7.77 13.91 22.42
C GLU A 351 6.61 13.39 21.55
C GLU A 351 6.64 13.38 21.53
N ARG A 352 6.28 14.12 20.47
CA ARG A 352 5.18 13.72 19.59
C ARG A 352 5.62 12.89 18.40
N VAL A 353 6.94 12.76 18.19
CA VAL A 353 7.48 12.07 17.04
C VAL A 353 8.10 10.77 17.50
N ARG A 354 7.45 9.65 17.14
CA ARG A 354 7.92 8.30 17.46
C ARG A 354 9.24 8.02 16.73
N ALA A 355 9.31 8.41 15.46
CA ALA A 355 10.48 8.25 14.60
C ALA A 355 10.32 9.18 13.41
N VAL A 356 11.45 9.56 12.77
CA VAL A 356 11.40 10.49 11.66
C VAL A 356 12.15 9.97 10.43
N ALA A 357 11.55 10.08 9.23
CA ALA A 357 12.26 9.72 8.00
C ALA A 357 12.07 10.77 6.93
N SER A 358 13.14 11.03 6.19
CA SER A 358 13.07 11.96 5.07
C SER A 358 13.52 11.30 3.78
N LEU A 359 12.76 11.53 2.72
CA LEU A 359 13.13 11.07 1.40
C LEU A 359 13.69 12.30 0.69
N ASN A 360 14.96 12.23 0.27
CA ASN A 360 15.69 13.25 -0.50
C ASN A 360 16.14 14.45 0.29
N THR A 361 15.25 15.01 1.14
CA THR A 361 15.56 16.23 1.86
C THR A 361 16.50 15.98 3.01
N PRO A 362 17.68 16.62 2.98
CA PRO A 362 18.60 16.46 4.11
C PRO A 362 18.24 17.41 5.26
N PHE A 363 18.83 17.14 6.42
CA PHE A 363 18.67 18.04 7.54
C PHE A 363 19.77 19.07 7.33
N ILE A 364 19.37 20.32 7.16
CA ILE A 364 20.32 21.40 6.95
C ILE A 364 20.15 22.43 8.05
N PRO A 365 21.13 22.50 8.95
CA PRO A 365 21.02 23.45 10.07
C PRO A 365 21.17 24.89 9.60
N ALA A 366 20.52 25.81 10.30
CA ALA A 366 20.62 27.22 9.97
C ALA A 366 22.03 27.73 10.27
N ASN A 367 22.52 28.66 9.46
CA ASN A 367 23.80 29.30 9.71
C ASN A 367 23.43 30.64 10.34
N PRO A 368 23.83 30.89 11.60
CA PRO A 368 23.46 32.16 12.24
C PRO A 368 24.22 33.39 11.70
N ASN A 369 25.25 33.19 10.88
CA ASN A 369 26.02 34.28 10.31
C ASN A 369 25.63 34.62 8.87
N MET A 370 24.85 33.76 8.21
CA MET A 370 24.49 33.96 6.83
C MET A 370 22.99 33.85 6.63
N SER A 371 22.37 34.90 6.07
CA SER A 371 20.95 34.92 5.75
C SER A 371 20.68 33.85 4.69
N PRO A 372 19.51 33.19 4.72
CA PRO A 372 19.24 32.14 3.72
C PRO A 372 19.18 32.68 2.28
N LEU A 373 18.81 33.96 2.11
CA LEU A 373 18.79 34.57 0.79
C LEU A 373 20.19 34.75 0.21
N GLU A 374 21.20 34.96 1.07
CA GLU A 374 22.59 35.07 0.62
C GLU A 374 23.11 33.70 0.19
N SER A 375 22.77 32.64 0.94
CA SER A 375 23.16 31.26 0.65
C SER A 375 22.58 30.77 -0.68
N ILE A 376 21.37 31.25 -1.03
CA ILE A 376 20.68 30.90 -2.27
C ILE A 376 21.49 31.39 -3.46
N LYS A 377 22.00 32.62 -3.40
CA LYS A 377 22.79 33.19 -4.47
C LYS A 377 24.16 32.51 -4.67
N ALA A 378 24.74 31.96 -3.59
CA ALA A 378 26.02 31.25 -3.66
C ALA A 378 25.94 29.92 -4.43
N ASN A 379 24.74 29.34 -4.56
CA ASN A 379 24.55 28.08 -5.28
C ASN A 379 23.61 28.27 -6.47
N PRO A 380 24.11 28.07 -7.70
CA PRO A 380 23.23 28.22 -8.88
C PRO A 380 22.15 27.13 -9.01
N VAL A 381 22.27 26.06 -8.22
CA VAL A 381 21.31 24.96 -8.18
C VAL A 381 19.96 25.48 -7.63
N PHE A 382 20.01 26.34 -6.60
CA PHE A 382 18.85 26.94 -5.94
C PHE A 382 18.45 28.31 -6.46
N ASP A 383 18.93 28.71 -7.67
CA ASP A 383 18.62 30.03 -8.23
C ASP A 383 17.13 30.20 -8.45
N TYR A 384 16.47 29.13 -8.92
CA TYR A 384 15.04 29.10 -9.20
C TYR A 384 14.20 29.53 -7.98
N GLN A 385 14.74 29.41 -6.75
CA GLN A 385 13.98 29.83 -5.57
C GLN A 385 13.84 31.35 -5.51
N LEU A 386 14.77 32.12 -6.11
CA LEU A 386 14.61 33.57 -6.17
C LEU A 386 13.42 33.92 -7.07
N TYR A 387 13.20 33.12 -8.15
CA TYR A 387 12.09 33.28 -9.07
C TYR A 387 10.74 33.07 -8.33
N PHE A 388 10.72 32.17 -7.33
CA PHE A 388 9.51 31.89 -6.56
C PHE A 388 9.19 32.95 -5.50
N GLN A 389 10.05 33.95 -5.29
CA GLN A 389 9.82 34.92 -4.22
C GLN A 389 8.72 35.92 -4.47
N GLU A 390 8.67 36.53 -5.66
CA GLU A 390 7.71 37.58 -5.97
C GLU A 390 6.30 37.04 -6.10
N PRO A 391 5.39 37.47 -5.20
CA PRO A 391 4.03 36.93 -5.27
C PRO A 391 3.34 37.23 -6.58
N GLY A 392 2.81 36.19 -7.22
CA GLY A 392 2.07 36.32 -8.46
C GLY A 392 2.82 35.87 -9.69
N VAL A 393 4.14 36.06 -9.70
CA VAL A 393 4.95 35.73 -10.87
C VAL A 393 4.95 34.23 -11.20
N ALA A 394 5.49 33.35 -10.31
CA ALA A 394 5.52 31.91 -10.65
C ALA A 394 4.11 31.33 -10.70
N GLU A 395 3.13 31.88 -9.92
CA GLU A 395 1.74 31.39 -9.98
C GLU A 395 1.18 31.51 -11.39
N ALA A 396 1.32 32.67 -12.04
CA ALA A 396 0.78 32.87 -13.39
C ALA A 396 1.36 31.89 -14.38
N GLU A 397 2.68 31.62 -14.30
CA GLU A 397 3.29 30.64 -15.21
C GLU A 397 2.84 29.21 -14.93
N LEU A 398 2.82 28.80 -13.66
CA LEU A 398 2.43 27.43 -13.29
C LEU A 398 0.94 27.15 -13.48
N GLU A 399 0.08 28.15 -13.26
CA GLU A 399 -1.38 27.96 -13.41
C GLU A 399 -1.89 28.13 -14.86
N GLN A 400 -1.03 28.63 -15.77
CA GLN A 400 -1.38 28.89 -17.17
C GLN A 400 -1.92 27.66 -17.90
N ASN A 401 -1.20 26.54 -17.81
CA ASN A 401 -1.60 25.26 -18.39
C ASN A 401 -1.17 24.18 -17.38
N LEU A 402 -2.12 23.67 -16.59
CA LEU A 402 -1.88 22.72 -15.52
C LEU A 402 -1.39 21.38 -16.04
N SER A 403 -1.91 20.95 -17.17
CA SER A 403 -1.52 19.71 -17.78
C SER A 403 -0.04 19.76 -18.17
N ARG A 404 0.42 20.91 -18.68
CA ARG A 404 1.81 21.14 -19.09
C ARG A 404 2.71 21.22 -17.85
N THR A 405 2.28 21.95 -16.81
CA THR A 405 3.04 22.04 -15.56
C THR A 405 3.34 20.65 -14.96
N PHE A 406 2.34 19.77 -14.84
CA PHE A 406 2.56 18.47 -14.22
C PHE A 406 3.28 17.50 -15.14
N LYS A 407 3.01 17.56 -16.44
CA LYS A 407 3.73 16.70 -17.40
C LYS A 407 5.19 17.09 -17.51
N SER A 408 5.51 18.38 -17.38
CA SER A 408 6.89 18.85 -17.44
C SER A 408 7.66 18.54 -16.16
N LEU A 409 6.99 18.59 -15.00
CA LEU A 409 7.65 18.34 -13.72
C LEU A 409 7.82 16.85 -13.41
N PHE A 410 6.74 16.07 -13.54
CA PHE A 410 6.75 14.65 -13.16
C PHE A 410 7.43 13.76 -14.19
N ARG A 411 8.76 13.78 -14.21
CA ARG A 411 9.53 12.99 -15.18
C ARG A 411 10.71 12.27 -14.52
N ALA A 412 11.11 11.14 -15.10
CA ALA A 412 12.30 10.42 -14.64
C ALA A 412 13.56 11.25 -14.95
N SER A 413 14.69 10.95 -14.28
CA SER A 413 15.92 11.73 -14.42
C SER A 413 16.45 11.82 -15.84
N ASP A 414 16.25 10.77 -16.62
CA ASP A 414 16.67 10.73 -18.01
C ASP A 414 15.67 11.38 -18.99
N GLU A 415 14.47 11.79 -18.51
CA GLU A 415 13.46 12.40 -19.37
C GLU A 415 13.30 13.89 -19.15
N SER A 416 14.18 14.54 -18.39
CA SER A 416 14.03 15.95 -18.07
C SER A 416 13.91 16.90 -19.26
N VAL A 417 12.99 17.85 -19.15
CA VAL A 417 12.77 18.92 -20.11
C VAL A 417 13.00 20.31 -19.46
N LEU A 418 13.44 20.37 -18.19
CA LEU A 418 13.67 21.62 -17.45
C LEU A 418 15.08 21.72 -16.91
N SER A 419 15.63 22.93 -16.93
CA SER A 419 16.95 23.19 -16.36
C SER A 419 16.75 24.19 -15.22
N MET A 420 16.92 23.74 -13.97
CA MET A 420 16.69 24.62 -12.81
C MET A 420 17.72 25.76 -12.66
N HIS A 421 18.80 25.73 -13.45
CA HIS A 421 19.79 26.80 -13.45
C HIS A 421 19.39 27.81 -14.54
N LYS A 422 19.70 29.08 -14.33
CA LYS A 422 19.34 30.15 -15.26
C LYS A 422 17.83 30.32 -15.42
N VAL A 423 17.04 29.96 -14.40
CA VAL A 423 15.58 30.15 -14.42
C VAL A 423 15.29 31.65 -14.34
N CYS A 424 16.01 32.38 -13.48
CA CYS A 424 15.84 33.82 -13.37
C CYS A 424 16.35 34.54 -14.63
N GLU A 425 17.46 34.04 -15.21
CA GLU A 425 18.03 34.58 -16.45
C GLU A 425 17.05 34.42 -17.61
N ALA A 426 16.44 33.23 -17.75
CA ALA A 426 15.47 32.98 -18.81
C ALA A 426 14.13 33.68 -18.59
N GLY A 427 13.78 33.98 -17.35
CA GLY A 427 12.53 34.63 -17.01
C GLY A 427 11.35 33.68 -16.89
N GLY A 428 11.63 32.47 -16.45
CA GLY A 428 10.60 31.45 -16.29
C GLY A 428 11.15 30.05 -16.23
N LEU A 429 10.37 29.15 -15.69
CA LEU A 429 10.72 27.74 -15.55
C LEU A 429 10.52 26.98 -16.87
N PHE A 430 9.53 27.37 -17.68
CA PHE A 430 9.19 26.68 -18.93
C PHE A 430 9.56 27.46 -20.21
N VAL A 431 10.48 28.43 -20.13
CA VAL A 431 10.88 29.27 -21.25
C VAL A 431 11.38 28.45 -22.47
N ASN A 432 12.26 27.46 -22.28
CA ASN A 432 12.70 26.64 -23.42
C ASN A 432 12.20 25.19 -23.29
N SER A 433 11.00 25.05 -22.76
CA SER A 433 10.35 23.77 -22.53
C SER A 433 9.23 23.61 -23.58
N PRO A 434 8.95 22.37 -24.03
CA PRO A 434 7.88 22.19 -25.03
C PRO A 434 6.49 22.53 -24.48
N GLU A 435 5.57 22.94 -25.36
CA GLU A 435 4.21 23.28 -24.92
C GLU A 435 3.41 22.02 -24.62
N GLU A 436 3.63 20.94 -25.37
CA GLU A 436 2.95 19.68 -25.13
C GLU A 436 4.01 18.61 -24.91
N PRO A 437 4.54 18.47 -23.69
CA PRO A 437 5.57 17.44 -23.47
C PRO A 437 5.00 16.03 -23.53
N SER A 438 5.84 15.07 -23.85
CA SER A 438 5.43 13.68 -23.87
C SER A 438 5.14 13.20 -22.44
N LEU A 439 4.31 12.17 -22.32
CA LEU A 439 3.97 11.63 -21.01
C LEU A 439 5.17 10.83 -20.52
N SER A 440 5.57 11.07 -19.26
CA SER A 440 6.67 10.32 -18.67
C SER A 440 6.28 8.85 -18.50
N ARG A 441 7.28 7.96 -18.44
CA ARG A 441 7.01 6.54 -18.23
C ARG A 441 6.59 6.22 -16.79
N MET A 442 6.89 7.11 -15.81
CA MET A 442 6.50 6.83 -14.42
C MET A 442 5.06 7.19 -14.11
N VAL A 443 4.37 7.96 -14.97
CA VAL A 443 2.98 8.36 -14.72
C VAL A 443 2.08 8.09 -15.91
N THR A 444 0.80 7.87 -15.64
CA THR A 444 -0.19 7.72 -16.67
C THR A 444 -0.95 9.05 -16.83
N GLU A 445 -1.73 9.19 -17.91
CA GLU A 445 -2.51 10.40 -18.14
C GLU A 445 -3.51 10.60 -17.00
N GLU A 446 -4.14 9.50 -16.53
CA GLU A 446 -5.12 9.48 -15.44
C GLU A 446 -4.53 10.02 -14.13
N GLU A 447 -3.30 9.61 -13.78
CA GLU A 447 -2.59 10.09 -12.59
C GLU A 447 -2.29 11.56 -12.73
N ILE A 448 -1.88 12.02 -13.93
CA ILE A 448 -1.62 13.45 -14.16
C ILE A 448 -2.89 14.27 -13.93
N GLN A 449 -4.03 13.77 -14.44
CA GLN A 449 -5.29 14.48 -14.34
C GLN A 449 -5.80 14.62 -12.92
N PHE A 450 -5.40 13.70 -12.00
CA PHE A 450 -5.76 13.81 -10.58
C PHE A 450 -5.08 15.06 -10.03
N TYR A 451 -3.79 15.24 -10.32
CA TYR A 451 -3.06 16.42 -9.84
C TYR A 451 -3.63 17.68 -10.45
N VAL A 452 -3.95 17.66 -11.75
CA VAL A 452 -4.56 18.80 -12.44
C VAL A 452 -5.87 19.22 -11.72
N GLN A 453 -6.77 18.25 -11.45
CA GLN A 453 -8.04 18.51 -10.76
C GLN A 453 -7.82 19.07 -9.37
N GLN A 454 -6.82 18.56 -8.64
CA GLN A 454 -6.53 19.05 -7.30
C GLN A 454 -6.03 20.48 -7.33
N PHE A 455 -5.16 20.83 -8.30
CA PHE A 455 -4.63 22.19 -8.37
C PHE A 455 -5.59 23.20 -9.01
N LYS A 456 -6.65 22.73 -9.66
CA LYS A 456 -7.68 23.59 -10.22
C LYS A 456 -8.45 24.28 -9.08
N LYS A 457 -8.53 23.64 -7.90
CA LYS A 457 -9.19 24.16 -6.73
C LYS A 457 -8.47 25.39 -6.11
N SER A 458 -7.28 25.24 -5.47
CA SER A 458 -6.67 26.42 -4.84
C SER A 458 -5.45 27.02 -5.55
N GLY A 459 -5.04 26.46 -6.68
CA GLY A 459 -3.90 27.02 -7.42
C GLY A 459 -2.54 26.83 -6.74
N PHE A 460 -1.58 27.67 -7.11
CA PHE A 460 -0.19 27.57 -6.66
C PHE A 460 0.25 28.56 -5.62
N ARG A 461 -0.61 29.49 -5.22
CA ARG A 461 -0.24 30.47 -4.21
C ARG A 461 0.18 29.83 -2.88
N GLY A 462 -0.68 28.99 -2.30
CA GLY A 462 -0.39 28.28 -1.05
C GLY A 462 0.90 27.48 -1.13
N PRO A 463 0.99 26.60 -2.11
CA PRO A 463 2.24 25.83 -2.33
C PRO A 463 3.52 26.69 -2.48
N LEU A 464 3.45 27.81 -3.22
CA LEU A 464 4.61 28.68 -3.42
C LEU A 464 4.96 29.46 -2.17
N ASN A 465 3.96 29.78 -1.33
CA ASN A 465 4.19 30.46 -0.07
C ASN A 465 5.11 29.68 0.86
N TRP A 466 5.25 28.36 0.70
CA TRP A 466 6.21 27.57 1.52
C TRP A 466 7.66 28.09 1.25
N TYR A 467 7.93 28.61 0.04
CA TYR A 467 9.23 29.17 -0.31
C TYR A 467 9.41 30.64 0.10
N ARG A 468 8.34 31.29 0.59
CA ARG A 468 8.38 32.72 0.86
C ARG A 468 8.50 33.10 2.33
N ASN A 469 9.11 32.23 3.12
CA ASN A 469 9.32 32.49 4.55
C ASN A 469 10.76 32.18 4.95
N MET A 470 11.73 32.41 4.04
N MET A 470 11.73 32.42 4.05
CA MET A 470 13.12 32.08 4.28
CA MET A 470 13.12 32.09 4.31
C MET A 470 13.71 32.71 5.55
C MET A 470 13.69 32.70 5.57
N GLU A 471 13.54 34.03 5.76
CA GLU A 471 14.06 34.71 6.94
C GLU A 471 13.32 34.32 8.21
N ARG A 472 11.98 34.16 8.14
CA ARG A 472 11.19 33.74 9.29
C ARG A 472 11.62 32.33 9.72
N ASN A 473 11.82 31.42 8.76
CA ASN A 473 12.23 30.03 9.06
C ASN A 473 13.63 29.97 9.64
N TRP A 474 14.54 30.82 9.11
CA TRP A 474 15.92 30.90 9.53
C TRP A 474 16.00 31.36 10.99
N LYS A 475 15.26 32.44 11.33
CA LYS A 475 15.19 32.96 12.69
C LYS A 475 14.69 31.89 13.66
N TRP A 476 13.63 31.15 13.27
CA TRP A 476 13.07 30.10 14.10
C TRP A 476 14.04 28.92 14.29
N ALA A 477 14.68 28.45 13.20
CA ALA A 477 15.63 27.33 13.24
C ALA A 477 16.86 27.63 14.08
N CYS A 478 17.26 28.89 14.17
CA CYS A 478 18.42 29.30 14.98
C CYS A 478 18.27 28.96 16.47
N LYS A 479 17.02 28.85 16.95
CA LYS A 479 16.74 28.44 18.34
C LYS A 479 17.17 27.00 18.62
N SER A 480 17.27 26.15 17.58
CA SER A 480 17.60 24.73 17.78
C SER A 480 19.05 24.39 17.51
N LEU A 481 19.94 25.38 17.33
CA LEU A 481 21.34 25.10 16.99
C LEU A 481 22.13 24.32 18.07
N GLY A 482 21.71 24.38 19.32
CA GLY A 482 22.36 23.62 20.39
C GLY A 482 21.83 22.20 20.55
N ARG A 483 20.76 21.84 19.81
CA ARG A 483 20.14 20.54 19.95
C ARG A 483 20.68 19.48 18.99
N LYS A 484 20.44 18.22 19.33
CA LYS A 484 20.73 17.10 18.46
C LYS A 484 19.43 16.29 18.30
N ILE A 485 19.33 15.51 17.22
CA ILE A 485 18.17 14.67 17.02
C ILE A 485 18.57 13.29 17.52
N LEU A 486 17.98 12.86 18.63
CA LEU A 486 18.35 11.62 19.29
C LEU A 486 17.26 10.55 19.28
N ILE A 487 16.19 10.77 18.51
CA ILE A 487 15.14 9.80 18.33
C ILE A 487 15.46 9.04 17.02
N PRO A 488 14.83 7.88 16.78
CA PRO A 488 15.14 7.10 15.56
C PRO A 488 14.88 7.90 14.30
N ALA A 489 15.88 7.91 13.41
CA ALA A 489 15.84 8.72 12.20
C ALA A 489 16.41 7.99 11.00
N LEU A 490 15.77 8.17 9.84
CA LEU A 490 16.19 7.59 8.57
C LEU A 490 16.31 8.69 7.52
N MET A 491 17.42 8.69 6.77
CA MET A 491 17.61 9.61 5.68
C MET A 491 17.74 8.76 4.44
N VAL A 492 16.88 8.99 3.41
CA VAL A 492 16.96 8.23 2.17
C VAL A 492 17.38 9.16 1.07
N THR A 493 18.52 8.89 0.43
CA THR A 493 18.98 9.75 -0.67
C THR A 493 18.59 9.14 -2.02
N ALA A 494 18.41 10.01 -3.03
CA ALA A 494 18.07 9.60 -4.38
C ALA A 494 19.22 10.03 -5.29
N GLU A 495 19.92 9.06 -5.86
CA GLU A 495 21.12 9.29 -6.69
C GLU A 495 20.98 10.42 -7.73
N LYS A 496 19.90 10.40 -8.49
CA LYS A 496 19.71 11.35 -9.59
C LYS A 496 18.81 12.53 -9.30
N ASP A 497 18.60 12.90 -8.01
CA ASP A 497 17.78 14.09 -7.72
C ASP A 497 18.57 15.33 -8.17
N PHE A 498 17.96 16.11 -9.05
CA PHE A 498 18.58 17.31 -9.61
C PHE A 498 18.90 18.42 -8.60
N VAL A 499 18.03 18.62 -7.61
CA VAL A 499 18.18 19.70 -6.64
C VAL A 499 18.66 19.22 -5.26
N LEU A 500 18.02 18.18 -4.73
CA LEU A 500 18.38 17.61 -3.45
C LEU A 500 19.37 16.46 -3.66
N VAL A 501 20.60 16.80 -4.00
CA VAL A 501 21.64 15.80 -4.29
C VAL A 501 22.07 15.06 -3.01
N PRO A 502 22.46 13.76 -3.14
CA PRO A 502 22.86 12.98 -1.95
C PRO A 502 24.01 13.58 -1.14
N GLN A 503 24.92 14.31 -1.81
CA GLN A 503 26.07 14.97 -1.20
C GLN A 503 25.67 16.04 -0.19
N MET A 504 24.48 16.64 -0.34
CA MET A 504 24.01 17.64 0.62
C MET A 504 23.68 17.03 2.00
N SER A 505 23.58 15.70 2.11
CA SER A 505 23.26 15.04 3.35
C SER A 505 24.49 14.55 4.14
N GLN A 506 25.71 14.68 3.59
CA GLN A 506 26.91 14.04 4.15
C GLN A 506 27.32 14.42 5.57
N HIS A 507 27.00 15.63 6.06
CA HIS A 507 27.37 15.96 7.45
C HIS A 507 26.23 15.80 8.47
N MET A 508 25.14 15.12 8.09
CA MET A 508 24.00 14.93 8.97
C MET A 508 24.30 14.15 10.25
N GLU A 509 25.30 13.25 10.22
CA GLU A 509 25.68 12.48 11.43
C GLU A 509 26.15 13.37 12.56
N ASP A 510 26.67 14.57 12.27
CA ASP A 510 27.09 15.49 13.34
C ASP A 510 25.91 15.93 14.20
N TRP A 511 24.69 15.98 13.62
CA TRP A 511 23.46 16.40 14.28
C TRP A 511 22.57 15.26 14.70
N ILE A 512 22.67 14.11 14.00
CA ILE A 512 21.83 12.93 14.24
C ILE A 512 22.82 11.75 14.33
N PRO A 513 23.52 11.60 15.48
CA PRO A 513 24.61 10.60 15.53
C PRO A 513 24.26 9.17 15.17
N HIS A 514 23.05 8.72 15.51
CA HIS A 514 22.66 7.35 15.19
C HIS A 514 21.70 7.25 14.00
N LEU A 515 21.82 8.20 13.07
CA LEU A 515 21.06 8.25 11.83
C LEU A 515 21.22 6.97 11.03
N LYS A 516 20.10 6.45 10.50
CA LYS A 516 20.13 5.32 9.59
C LYS A 516 19.99 5.85 8.17
N ARG A 517 20.55 5.13 7.20
CA ARG A 517 20.52 5.58 5.83
C ARG A 517 20.03 4.54 4.86
N GLY A 518 19.47 5.05 3.80
CA GLY A 518 19.00 4.32 2.63
C GLY A 518 19.45 5.09 1.42
N HIS A 519 19.70 4.41 0.32
CA HIS A 519 20.13 5.06 -0.90
C HIS A 519 19.48 4.37 -2.09
N ILE A 520 18.88 5.14 -3.00
CA ILE A 520 18.22 4.56 -4.16
C ILE A 520 18.95 4.98 -5.41
N GLU A 521 19.49 4.02 -6.14
CA GLU A 521 20.20 4.31 -7.38
C GLU A 521 19.23 4.54 -8.52
N ASP A 522 19.63 5.33 -9.51
CA ASP A 522 18.86 5.64 -10.71
C ASP A 522 17.47 6.18 -10.37
N CYS A 523 17.41 7.00 -9.33
CA CYS A 523 16.16 7.55 -8.84
C CYS A 523 16.26 9.05 -8.88
N GLY A 524 15.28 9.70 -9.48
CA GLY A 524 15.25 11.16 -9.52
C GLY A 524 14.58 11.78 -8.31
N HIS A 525 14.10 13.02 -8.49
CA HIS A 525 13.42 13.76 -7.45
C HIS A 525 12.09 13.13 -6.96
N TRP A 526 11.30 12.53 -7.83
CA TRP A 526 9.98 12.01 -7.48
C TRP A 526 10.05 10.59 -6.99
N THR A 527 10.80 10.41 -5.91
CA THR A 527 11.18 9.15 -5.31
C THR A 527 10.06 8.11 -5.23
N GLN A 528 8.90 8.48 -4.65
CA GLN A 528 7.76 7.58 -4.44
C GLN A 528 7.22 6.92 -5.68
N MET A 529 7.13 7.67 -6.77
CA MET A 529 6.60 7.12 -8.01
C MET A 529 7.69 6.67 -8.97
N ASP A 530 8.94 7.09 -8.75
CA ASP A 530 10.07 6.69 -9.58
C ASP A 530 10.44 5.25 -9.22
N LYS A 531 10.75 4.97 -7.95
CA LYS A 531 11.14 3.66 -7.46
C LYS A 531 10.25 3.22 -6.28
N PRO A 532 8.95 3.00 -6.52
CA PRO A 532 8.05 2.66 -5.41
C PRO A 532 8.39 1.39 -4.64
N THR A 533 8.81 0.33 -5.34
CA THR A 533 9.15 -0.94 -4.69
C THR A 533 10.34 -0.77 -3.75
N GLU A 534 11.36 -0.03 -4.17
CA GLU A 534 12.56 0.21 -3.38
C GLU A 534 12.25 1.06 -2.16
N VAL A 535 11.40 2.12 -2.32
CA VAL A 535 10.99 2.98 -1.21
C VAL A 535 10.26 2.12 -0.17
N ASN A 536 9.28 1.32 -0.62
CA ASN A 536 8.50 0.46 0.28
C ASN A 536 9.36 -0.45 1.11
N GLN A 537 10.31 -1.17 0.48
CA GLN A 537 11.22 -2.06 1.19
C GLN A 537 12.05 -1.33 2.22
N ILE A 538 12.64 -0.20 1.84
CA ILE A 538 13.44 0.59 2.78
C ILE A 538 12.64 1.09 3.97
N LEU A 539 11.43 1.65 3.73
CA LEU A 539 10.63 2.18 4.83
C LEU A 539 10.14 1.08 5.72
N ILE A 540 9.63 -0.02 5.13
CA ILE A 540 9.08 -1.11 5.93
C ILE A 540 10.14 -1.74 6.83
N LYS A 541 11.35 -2.01 6.31
CA LYS A 541 12.41 -2.59 7.15
C LYS A 541 12.80 -1.67 8.29
N TRP A 542 12.88 -0.37 8.02
CA TRP A 542 13.24 0.60 9.04
C TRP A 542 12.17 0.72 10.09
N LEU A 543 10.88 0.75 9.67
CA LEU A 543 9.77 0.88 10.59
C LEU A 543 9.71 -0.31 11.53
N ASP A 544 9.91 -1.53 10.99
CA ASP A 544 9.84 -2.75 11.76
C ASP A 544 10.95 -2.89 12.78
N SER A 545 12.10 -2.29 12.55
CA SER A 545 13.21 -2.38 13.50
C SER A 545 13.33 -1.15 14.43
N ASP A 546 13.18 0.07 13.91
CA ASP A 546 13.34 1.29 14.71
C ASP A 546 12.08 2.00 15.19
N ALA A 547 10.90 1.73 14.62
CA ALA A 547 9.67 2.40 15.03
C ALA A 547 8.64 1.51 15.73
N ARG A 548 8.94 0.21 15.89
CA ARG A 548 8.03 -0.70 16.57
C ARG A 548 8.53 -1.06 17.97
S SO4 B . 16.88 27.05 7.12
O1 SO4 B . 15.52 27.01 7.64
O2 SO4 B . 17.54 28.31 7.48
O3 SO4 B . 17.70 25.94 7.68
O4 SO4 B . 16.84 26.91 5.65
C1 6N4 C . 10.50 22.07 -8.54
C2 6N4 C . 9.98 20.86 -8.09
C3 6N4 C . 10.33 20.33 -6.83
C4 6N4 C . 11.19 21.09 -6.05
C5 6N4 C . 11.72 22.31 -6.47
C6 6N4 C . 11.38 22.81 -7.73
N7 6N4 C . 12.56 22.83 -5.50
C8 6N4 C . 12.52 21.96 -4.52
N9 6N4 C . 11.72 20.89 -4.79
S10 6N4 C . 13.40 22.06 -3.02
C11 6N4 C . 12.10 21.94 -1.76
C12 6N4 C . 12.65 22.40 -0.41
O13 6N4 C . 13.67 21.55 0.09
#